data_6BY8
#
_entry.id   6BY8
#
_cell.length_a   48.991
_cell.length_b   80.222
_cell.length_c   124.722
_cell.angle_alpha   90.000
_cell.angle_beta   90.000
_cell.angle_gamma   90.000
#
_symmetry.space_group_name_H-M   'P 21 21 21'
#
loop_
_entity.id
_entity.type
_entity.pdbx_description
1 polymer Menin
2 non-polymer 4-methyl-1-{[(2R)-5-oxomorpholin-2-yl]methyl}-5-[(4-{[6-(2,2,2-trifluoroethyl)thieno[2,3-d]pyrimidin-4-yl]amino}piperidin-1-yl)methyl]-1H-indole-2-carbonitrile
3 non-polymer 'DIMETHYL SULFOXIDE'
4 non-polymer 'TETRAETHYLENE GLYCOL'
5 non-polymer 'SULFATE ION'
6 non-polymer 1,2-ETHANEDIOL
7 water water
#
_entity_poly.entity_id   1
_entity_poly.type   'polypeptide(L)'
_entity_poly.pdbx_seq_one_letter_code
;GGSSSMGLKAAQKTLFPLRSIDDVVRLFAAELGREEPDLVLLSLVLGFVEHFLAVNRVGLTYFPVADLSIIAALYARFTA
QIRGAVDLSLYPREGGVSSRELVKKVSDVIWNSLSRSYFKDRAHIQSLFSFITGTKLDSSGVAFAVVGACQALGLRDVHL
ALSEDHAWVVFGPNGEQTAEVTWHGKGNEDRRGQTVNAGVAERSWLYLKGSYMRCDRKMEVAFMVCAINPSIDLHTDSLE
LLQLQQKLLWLLYDLGHLERYPMALGNLADLEELEPTPGRPDPLTLYHKGIASAKTYYRDEHIYPYMYLAGYHCRNRNVR
EALQAWADTATVIQDYNYCREDEEIYKEFFEVANDVIPNLLKEAASLLEAGSQGSALQDPECFAHLLRFYDGICKWEEGS
PTPVLHVGWATFLVQSLGRFEGQVRQKVRIVSVPAPTASPPPEGPVLTFQSEKMKGMKELLVATKINSSAIKLQLTAQSQ
VQMKKQKVS
;
_entity_poly.pdbx_strand_id   A
#
# COMPACT_ATOMS: atom_id res chain seq x y z
N GLY A 7 5.99 -20.56 22.49
CA GLY A 7 6.48 -21.57 23.41
C GLY A 7 7.86 -22.13 23.08
N LEU A 8 7.97 -22.95 22.04
CA LEU A 8 6.82 -23.48 21.30
C LEU A 8 6.05 -24.47 22.15
N LYS A 9 4.72 -24.36 22.13
CA LYS A 9 3.86 -25.28 22.85
C LYS A 9 3.69 -26.57 22.05
N ALA A 10 3.42 -27.67 22.76
CA ALA A 10 3.32 -28.97 22.11
C ALA A 10 2.33 -28.95 20.97
N ALA A 11 1.20 -28.24 21.14
CA ALA A 11 0.17 -28.21 20.12
C ALA A 11 0.62 -27.50 18.85
N GLN A 12 1.54 -26.53 18.97
CA GLN A 12 2.04 -25.86 17.78
C GLN A 12 2.96 -26.74 16.95
N LYS A 13 3.39 -27.89 17.47
CA LYS A 13 4.41 -28.69 16.81
C LYS A 13 3.85 -29.85 16.01
N THR A 14 2.58 -30.20 16.21
CA THR A 14 2.07 -31.49 15.71
C THR A 14 1.90 -31.52 14.20
N LEU A 15 1.85 -30.39 13.51
CA LEU A 15 1.72 -30.42 12.06
C LEU A 15 3.04 -30.60 11.33
N PHE A 16 4.16 -30.40 11.99
CA PHE A 16 5.45 -30.54 11.32
C PHE A 16 5.75 -32.02 11.08
N PRO A 17 6.50 -32.33 9.99
CA PRO A 17 7.05 -31.37 9.03
C PRO A 17 6.03 -30.85 8.04
N LEU A 18 6.22 -29.62 7.62
CA LEU A 18 5.39 -29.01 6.59
C LEU A 18 5.97 -29.42 5.24
N ARG A 19 5.21 -30.20 4.46
CA ARG A 19 5.70 -30.78 3.23
C ARG A 19 5.11 -30.14 1.98
N SER A 20 4.18 -29.20 2.13
CA SER A 20 3.45 -28.67 0.99
C SER A 20 2.83 -27.34 1.35
N ILE A 21 2.40 -26.61 0.32
CA ILE A 21 1.63 -25.38 0.50
C ILE A 21 0.46 -25.61 1.44
N ASP A 22 -0.29 -26.69 1.21
CA ASP A 22 -1.47 -26.94 2.04
C ASP A 22 -1.09 -27.22 3.49
N ASP A 23 0.07 -27.85 3.74
CA ASP A 23 0.55 -28.01 5.10
C ASP A 23 0.80 -26.66 5.78
N VAL A 24 1.37 -25.70 5.04
CA VAL A 24 1.57 -24.37 5.60
C VAL A 24 0.22 -23.73 5.92
N VAL A 25 -0.76 -23.88 5.02
CA VAL A 25 -2.08 -23.32 5.26
C VAL A 25 -2.71 -23.92 6.52
N ARG A 26 -2.56 -25.25 6.71
CA ARG A 26 -3.08 -25.87 7.91
C ARG A 26 -2.44 -25.28 9.16
N LEU A 27 -1.15 -24.93 9.08
CA LEU A 27 -0.50 -24.33 10.24
C LEU A 27 -1.06 -22.94 10.52
N PHE A 28 -1.23 -22.13 9.47
CA PHE A 28 -1.82 -20.81 9.66
C PHE A 28 -3.23 -20.93 10.21
N ALA A 29 -3.98 -21.93 9.75
CA ALA A 29 -5.35 -22.11 10.22
C ALA A 29 -5.39 -22.52 11.68
N ALA A 30 -4.47 -23.38 12.10
CA ALA A 30 -4.39 -23.77 13.50
C ALA A 30 -4.02 -22.58 14.38
N GLU A 31 -3.02 -21.79 13.96
CA GLU A 31 -2.61 -20.63 14.76
C GLU A 31 -3.69 -19.56 14.81
N LEU A 32 -4.41 -19.36 13.71
CA LEU A 32 -5.48 -18.37 13.71
C LEU A 32 -6.66 -18.80 14.57
N GLY A 33 -6.78 -20.08 14.88
CA GLY A 33 -7.79 -20.56 15.79
C GLY A 33 -7.40 -20.48 17.25
N ARG A 34 -6.18 -20.07 17.53
CA ARG A 34 -5.72 -20.00 18.91
CA ARG A 34 -5.68 -19.98 18.90
C ARG A 34 -5.97 -18.62 19.50
N GLU A 35 -5.82 -18.54 20.83
CA GLU A 35 -5.97 -17.31 21.58
C GLU A 35 -5.24 -16.15 20.89
N GLU A 36 -3.96 -16.34 20.61
CA GLU A 36 -3.11 -15.40 19.89
C GLU A 36 -2.23 -16.18 18.92
N PRO A 37 -2.37 -15.97 17.61
CA PRO A 37 -1.47 -16.63 16.66
C PRO A 37 -0.03 -16.19 16.87
N ASP A 38 0.88 -17.16 16.79
CA ASP A 38 2.29 -16.93 17.11
C ASP A 38 2.96 -16.25 15.90
N LEU A 39 3.13 -14.93 15.99
CA LEU A 39 3.71 -14.16 14.87
C LEU A 39 5.12 -14.64 14.52
N VAL A 40 5.92 -14.95 15.55
CA VAL A 40 7.30 -15.35 15.31
C VAL A 40 7.37 -16.66 14.56
N LEU A 41 6.62 -17.66 15.03
CA LEU A 41 6.55 -18.95 14.34
C LEU A 41 6.12 -18.78 12.88
N LEU A 42 5.04 -18.03 12.65
CA LEU A 42 4.49 -17.93 11.31
C LEU A 42 5.42 -17.15 10.38
N SER A 43 6.07 -16.10 10.88
CA SER A 43 6.99 -15.35 10.03
C SER A 43 8.23 -16.17 9.69
N LEU A 44 8.75 -16.95 10.66
CA LEU A 44 9.88 -17.83 10.36
C LEU A 44 9.53 -18.84 9.28
N VAL A 45 8.33 -19.44 9.37
CA VAL A 45 7.89 -20.42 8.38
C VAL A 45 7.79 -19.78 7.00
N LEU A 46 7.10 -18.62 6.91
CA LEU A 46 7.00 -17.95 5.61
C LEU A 46 8.37 -17.58 5.06
N GLY A 47 9.24 -17.04 5.91
CA GLY A 47 10.56 -16.65 5.43
C GLY A 47 11.40 -17.85 5.01
N PHE A 48 11.25 -18.97 5.71
CA PHE A 48 11.95 -20.19 5.31
C PHE A 48 11.48 -20.65 3.94
N VAL A 49 10.17 -20.74 3.74
CA VAL A 49 9.68 -21.26 2.47
CA VAL A 49 9.63 -21.23 2.48
C VAL A 49 9.97 -20.27 1.34
N GLU A 50 9.86 -18.96 1.60
CA GLU A 50 10.18 -17.99 0.56
C GLU A 50 11.67 -18.04 0.21
N HIS A 51 12.53 -18.26 1.20
CA HIS A 51 13.96 -18.35 0.89
C HIS A 51 14.25 -19.48 -0.08
N PHE A 52 13.66 -20.65 0.13
CA PHE A 52 13.96 -21.81 -0.70
C PHE A 52 13.04 -21.95 -1.91
N LEU A 53 12.07 -21.05 -2.10
CA LEU A 53 11.30 -21.01 -3.33
C LEU A 53 11.60 -19.82 -4.21
N ALA A 54 12.20 -18.77 -3.66
CA ALA A 54 12.48 -17.55 -4.42
C ALA A 54 13.94 -17.15 -4.38
N VAL A 55 14.60 -17.29 -3.23
CA VAL A 55 16.00 -16.84 -3.13
C VAL A 55 16.95 -17.91 -3.65
N ASN A 56 16.76 -19.16 -3.23
CA ASN A 56 17.67 -20.25 -3.60
C ASN A 56 16.88 -21.51 -3.89
N ARG A 57 16.56 -21.74 -5.18
CA ARG A 57 15.80 -22.91 -5.60
C ARG A 57 16.67 -24.11 -5.95
N VAL A 58 17.97 -24.08 -5.65
CA VAL A 58 18.85 -25.20 -5.97
C VAL A 58 18.40 -26.44 -5.20
N GLY A 59 18.13 -27.51 -5.93
CA GLY A 59 17.72 -28.76 -5.33
C GLY A 59 16.22 -28.91 -5.14
N LEU A 60 15.45 -27.90 -5.48
CA LEU A 60 14.00 -27.97 -5.28
C LEU A 60 13.39 -29.06 -6.15
N THR A 61 12.66 -29.98 -5.52
CA THR A 61 11.90 -30.98 -6.27
C THR A 61 10.39 -30.81 -6.17
N TYR A 62 9.89 -30.10 -5.15
CA TYR A 62 8.46 -29.82 -5.07
C TYR A 62 8.20 -28.68 -4.09
N PHE A 63 8.58 -28.89 -2.83
CA PHE A 63 8.31 -27.90 -1.82
C PHE A 63 9.42 -28.03 -0.80
N PRO A 64 9.96 -26.93 -0.27
CA PRO A 64 11.01 -27.05 0.74
C PRO A 64 10.42 -27.55 2.05
N VAL A 65 10.69 -28.80 2.42
CA VAL A 65 10.14 -29.35 3.64
C VAL A 65 10.66 -28.55 4.83
N ALA A 66 9.74 -28.03 5.65
CA ALA A 66 10.09 -27.34 6.88
C ALA A 66 10.01 -28.32 8.04
N ASP A 67 11.17 -28.83 8.47
CA ASP A 67 11.27 -29.75 9.59
C ASP A 67 11.16 -29.00 10.92
N LEU A 68 10.58 -29.66 11.92
CA LEU A 68 10.43 -29.00 13.21
C LEU A 68 11.77 -28.62 13.79
N SER A 69 12.80 -29.47 13.65
CA SER A 69 14.07 -29.16 14.29
C SER A 69 14.65 -27.87 13.73
N ILE A 70 14.50 -27.65 12.42
CA ILE A 70 14.99 -26.44 11.76
C ILE A 70 14.20 -25.21 12.22
N ILE A 71 12.87 -25.30 12.20
CA ILE A 71 12.05 -24.15 12.57
C ILE A 71 12.18 -23.85 14.06
N ALA A 72 12.23 -24.88 14.90
CA ALA A 72 12.40 -24.68 16.34
C ALA A 72 13.75 -24.05 16.67
N ALA A 73 14.80 -24.39 15.93
CA ALA A 73 16.09 -23.80 16.22
C ALA A 73 16.10 -22.32 15.86
N LEU A 74 15.49 -21.95 14.72
CA LEU A 74 15.36 -20.53 14.37
C LEU A 74 14.55 -19.79 15.42
N TYR A 75 13.45 -20.38 15.86
CA TYR A 75 12.59 -19.75 16.86
C TYR A 75 13.36 -19.52 18.16
N ALA A 76 14.12 -20.54 18.59
CA ALA A 76 14.94 -20.43 19.77
C ALA A 76 15.97 -19.32 19.64
N ARG A 77 16.59 -19.17 18.47
CA ARG A 77 17.53 -18.06 18.25
CA ARG A 77 17.54 -18.06 18.29
C ARG A 77 16.85 -16.72 18.49
N PHE A 78 15.65 -16.57 17.95
CA PHE A 78 14.96 -15.29 18.10
C PHE A 78 14.59 -15.04 19.55
N THR A 79 13.94 -16.00 20.19
CA THR A 79 13.49 -15.73 21.56
C THR A 79 14.68 -15.57 22.51
N ALA A 80 15.77 -16.33 22.30
CA ALA A 80 16.96 -16.14 23.14
C ALA A 80 17.55 -14.74 22.98
N GLN A 81 17.61 -14.25 21.74
CA GLN A 81 18.12 -12.90 21.52
C GLN A 81 17.25 -11.87 22.24
N ILE A 82 15.93 -11.98 22.10
CA ILE A 82 15.05 -10.97 22.67
C ILE A 82 15.05 -11.05 24.20
N ARG A 83 14.90 -12.26 24.75
CA ARG A 83 14.78 -12.34 26.20
C ARG A 83 16.10 -12.09 26.90
N GLY A 84 17.23 -12.36 26.23
CA GLY A 84 18.51 -12.02 26.81
C GLY A 84 18.77 -10.52 26.85
N ALA A 85 18.21 -9.78 25.89
CA ALA A 85 18.50 -8.37 25.68
C ALA A 85 17.52 -7.44 26.36
N VAL A 86 16.28 -7.87 26.58
CA VAL A 86 15.22 -7.06 27.16
C VAL A 86 14.91 -7.61 28.53
N ASP A 87 15.37 -6.93 29.57
CA ASP A 87 15.08 -7.31 30.95
C ASP A 87 13.80 -6.61 31.39
N LEU A 88 12.69 -7.37 31.45
CA LEU A 88 11.38 -6.78 31.73
C LEU A 88 11.29 -6.19 33.14
N SER A 89 12.07 -6.71 34.10
CA SER A 89 12.00 -6.16 35.45
C SER A 89 12.46 -4.72 35.52
N LEU A 90 13.17 -4.24 34.49
CA LEU A 90 13.56 -2.84 34.43
C LEU A 90 12.41 -1.95 33.96
N TYR A 91 11.33 -2.52 33.43
CA TYR A 91 10.20 -1.78 32.86
C TYR A 91 8.90 -2.29 33.46
N PRO A 92 8.63 -1.96 34.72
CA PRO A 92 7.40 -2.45 35.37
C PRO A 92 6.16 -2.06 34.57
N ARG A 93 5.27 -3.04 34.35
CA ARG A 93 4.06 -2.84 33.56
C ARG A 93 2.89 -2.55 34.51
N GLU A 94 2.40 -1.32 34.47
CA GLU A 94 1.21 -0.94 35.22
C GLU A 94 -0.03 -1.36 34.43
N GLY A 95 -0.80 -2.30 34.96
CA GLY A 95 -2.12 -2.60 34.41
C GLY A 95 -2.13 -3.36 33.11
N GLY A 96 -1.17 -4.25 32.89
CA GLY A 96 -1.13 -5.01 31.66
C GLY A 96 -0.77 -4.22 30.41
N VAL A 97 -0.27 -2.99 30.55
CA VAL A 97 0.10 -2.18 29.40
C VAL A 97 1.59 -1.87 29.47
N SER A 98 2.17 -1.66 28.29
CA SER A 98 3.60 -1.44 28.15
C SER A 98 3.91 0.05 28.24
N SER A 99 5.16 0.37 28.56
CA SER A 99 5.62 1.75 28.65
C SER A 99 6.34 2.15 27.37
N ARG A 100 6.44 3.46 27.14
CA ARG A 100 7.18 3.96 25.98
C ARG A 100 8.64 3.52 26.04
N GLU A 101 9.22 3.50 27.25
CA GLU A 101 10.63 3.10 27.37
C GLU A 101 10.81 1.64 26.98
N LEU A 102 9.86 0.78 27.35
CA LEU A 102 9.96 -0.63 26.98
C LEU A 102 9.86 -0.81 25.47
N VAL A 103 8.92 -0.10 24.83
CA VAL A 103 8.78 -0.21 23.39
C VAL A 103 10.06 0.27 22.70
N LYS A 104 10.62 1.39 23.15
CA LYS A 104 11.85 1.88 22.55
C LYS A 104 13.01 0.92 22.75
N LYS A 105 13.05 0.24 23.91
CA LYS A 105 14.11 -0.75 24.14
C LYS A 105 14.03 -1.91 23.16
N VAL A 106 12.83 -2.45 22.94
CA VAL A 106 12.68 -3.53 21.96
C VAL A 106 13.07 -3.06 20.56
N SER A 107 12.61 -1.87 20.18
CA SER A 107 13.01 -1.32 18.88
C SER A 107 14.52 -1.20 18.78
N ASP A 108 15.18 -0.76 19.86
CA ASP A 108 16.64 -0.63 19.85
C ASP A 108 17.30 -1.99 19.66
N VAL A 109 16.76 -3.03 20.32
CA VAL A 109 17.35 -4.36 20.23
C VAL A 109 17.31 -4.86 18.80
N ILE A 110 16.15 -4.75 18.15
CA ILE A 110 16.01 -5.17 16.75
C ILE A 110 16.93 -4.35 15.87
N TRP A 111 16.87 -3.01 16.01
CA TRP A 111 17.64 -2.10 15.17
C TRP A 111 19.14 -2.35 15.32
N ASN A 112 19.60 -2.48 16.57
CA ASN A 112 21.02 -2.67 16.81
C ASN A 112 21.56 -4.01 16.31
N SER A 113 20.69 -5.00 16.06
CA SER A 113 21.12 -6.29 15.54
C SER A 113 21.37 -6.28 14.03
N LEU A 114 20.97 -5.23 13.34
CA LEU A 114 20.97 -5.30 11.87
C LEU A 114 22.37 -5.04 11.33
N SER A 115 22.67 -5.70 10.21
CA SER A 115 23.93 -5.45 9.51
C SER A 115 24.13 -3.96 9.30
N ARG A 116 25.38 -3.53 9.47
CA ARG A 116 25.72 -2.11 9.48
C ARG A 116 25.33 -1.43 8.18
N SER A 117 25.50 -2.12 7.06
CA SER A 117 25.30 -1.54 5.74
C SER A 117 24.73 -2.62 4.82
N TYR A 118 23.62 -2.30 4.16
CA TYR A 118 23.03 -3.19 3.16
C TYR A 118 21.93 -2.43 2.43
N PHE A 119 21.53 -2.98 1.28
CA PHE A 119 20.51 -2.35 0.43
C PHE A 119 19.14 -2.58 1.04
N LYS A 120 18.55 -1.51 1.60
CA LYS A 120 17.31 -1.61 2.36
C LYS A 120 16.10 -1.93 1.48
N ASP A 121 16.22 -1.79 0.17
CA ASP A 121 15.11 -1.98 -0.77
C ASP A 121 15.14 -3.35 -1.43
N ARG A 122 16.02 -4.25 -0.98
CA ARG A 122 16.09 -5.58 -1.56
C ARG A 122 14.82 -6.36 -1.27
N ALA A 123 14.56 -7.35 -2.12
CA ALA A 123 13.45 -8.25 -1.88
C ALA A 123 13.86 -9.33 -0.89
N HIS A 124 12.86 -9.94 -0.25
CA HIS A 124 13.05 -11.11 0.60
C HIS A 124 13.79 -10.76 1.89
N ILE A 125 13.70 -9.53 2.37
CA ILE A 125 14.28 -9.23 3.69
C ILE A 125 13.18 -8.70 4.62
N GLN A 126 11.98 -9.26 4.48
CA GLN A 126 10.84 -8.76 5.26
C GLN A 126 10.54 -9.59 6.50
N SER A 127 11.01 -10.84 6.56
CA SER A 127 10.58 -11.81 7.57
C SER A 127 11.62 -11.97 8.67
N LEU A 128 11.19 -12.61 9.77
CA LEU A 128 12.14 -12.96 10.82
C LEU A 128 13.17 -13.97 10.34
N PHE A 129 12.89 -14.73 9.27
CA PHE A 129 13.91 -15.60 8.73
C PHE A 129 15.11 -14.78 8.26
N SER A 130 14.86 -13.66 7.57
CA SER A 130 15.95 -12.78 7.12
CA SER A 130 15.94 -12.79 7.13
C SER A 130 16.63 -12.13 8.32
N PHE A 131 15.86 -11.76 9.35
CA PHE A 131 16.45 -11.15 10.55
C PHE A 131 17.46 -12.10 11.20
N ILE A 132 17.11 -13.38 11.32
CA ILE A 132 17.96 -14.32 12.02
C ILE A 132 19.13 -14.77 11.17
N THR A 133 18.88 -15.14 9.91
CA THR A 133 19.94 -15.72 9.10
C THR A 133 20.78 -14.67 8.38
N GLY A 134 20.24 -13.49 8.14
CA GLY A 134 20.96 -12.51 7.35
C GLY A 134 21.21 -11.20 8.06
N THR A 135 20.66 -11.07 9.28
CA THR A 135 20.63 -9.81 10.05
C THR A 135 20.26 -8.60 9.18
N LYS A 136 19.21 -8.79 8.38
CA LYS A 136 18.71 -7.76 7.47
C LYS A 136 17.20 -7.70 7.52
N LEU A 137 16.65 -6.48 7.53
CA LEU A 137 15.22 -6.26 7.48
C LEU A 137 14.95 -4.99 6.68
N ASP A 138 13.85 -4.99 5.92
CA ASP A 138 13.41 -3.75 5.31
C ASP A 138 12.67 -2.92 6.37
N SER A 139 12.25 -1.70 5.98
N SER A 139 12.20 -1.72 5.97
CA SER A 139 11.72 -0.75 6.96
CA SER A 139 11.74 -0.75 6.95
C SER A 139 10.54 -1.32 7.74
C SER A 139 10.52 -1.26 7.73
N SER A 140 9.49 -1.76 7.03
CA SER A 140 8.33 -2.24 7.76
C SER A 140 8.60 -3.60 8.39
N GLY A 141 9.58 -4.35 7.87
CA GLY A 141 10.01 -5.58 8.54
C GLY A 141 10.53 -5.32 9.95
N VAL A 142 11.19 -4.18 10.15
CA VAL A 142 11.64 -3.82 11.50
C VAL A 142 10.44 -3.62 12.42
N ALA A 143 9.41 -2.93 11.96
CA ALA A 143 8.23 -2.71 12.80
C ALA A 143 7.55 -4.03 13.11
N PHE A 144 7.43 -4.91 12.12
CA PHE A 144 6.83 -6.22 12.37
C PHE A 144 7.65 -7.00 13.39
N ALA A 145 8.97 -6.95 13.26
CA ALA A 145 9.83 -7.68 14.20
C ALA A 145 9.68 -7.16 15.62
N VAL A 146 9.51 -5.84 15.77
CA VAL A 146 9.29 -5.28 17.11
C VAL A 146 8.02 -5.85 17.70
N VAL A 147 6.94 -5.92 16.91
CA VAL A 147 5.68 -6.46 17.41
C VAL A 147 5.82 -7.94 17.73
N GLY A 148 6.50 -8.71 16.88
CA GLY A 148 6.74 -10.11 17.19
C GLY A 148 7.55 -10.31 18.46
N ALA A 149 8.60 -9.52 18.64
CA ALA A 149 9.38 -9.59 19.88
C ALA A 149 8.55 -9.22 21.10
N CYS A 150 7.72 -8.18 20.99
CA CYS A 150 6.82 -7.81 22.09
C CYS A 150 5.87 -8.96 22.43
N GLN A 151 5.26 -9.58 21.41
CA GLN A 151 4.41 -10.74 21.70
C GLN A 151 5.18 -11.84 22.41
N ALA A 152 6.40 -12.14 21.94
CA ALA A 152 7.19 -13.18 22.59
C ALA A 152 7.50 -12.84 24.04
N LEU A 153 7.58 -11.55 24.37
CA LEU A 153 7.83 -11.10 25.74
C LEU A 153 6.56 -11.05 26.59
N GLY A 154 5.39 -11.32 26.00
CA GLY A 154 4.13 -11.26 26.72
C GLY A 154 3.44 -9.91 26.72
N LEU A 155 3.83 -8.99 25.84
CA LEU A 155 3.30 -7.63 25.84
C LEU A 155 2.10 -7.57 24.88
N ARG A 156 0.95 -7.96 25.40
CA ARG A 156 -0.23 -8.17 24.57
C ARG A 156 -0.78 -6.88 23.99
N ASP A 157 -0.38 -5.72 24.53
CA ASP A 157 -0.92 -4.45 24.10
C ASP A 157 -0.17 -3.81 22.93
N VAL A 158 1.00 -4.35 22.54
CA VAL A 158 1.79 -3.73 21.49
C VAL A 158 1.33 -4.28 20.14
N HIS A 159 0.87 -3.39 19.25
CA HIS A 159 0.31 -3.83 17.98
C HIS A 159 0.90 -3.01 16.82
N LEU A 160 0.84 -3.61 15.64
CA LEU A 160 1.36 -2.98 14.44
C LEU A 160 0.37 -1.94 13.93
N ALA A 161 0.88 -0.75 13.59
CA ALA A 161 0.07 0.29 12.95
C ALA A 161 0.62 0.51 11.56
N LEU A 162 -0.28 0.71 10.58
CA LEU A 162 0.10 0.71 9.18
C LEU A 162 -0.59 1.87 8.47
N SER A 163 0.18 2.66 7.74
CA SER A 163 -0.41 3.53 6.74
C SER A 163 -0.15 2.93 5.38
N GLU A 164 -0.35 3.71 4.31
CA GLU A 164 -0.12 3.15 2.99
C GLU A 164 1.35 3.18 2.59
N ASP A 165 2.22 3.82 3.38
CA ASP A 165 3.65 3.79 3.05
C ASP A 165 4.54 3.75 4.28
N HIS A 166 4.02 3.38 5.45
CA HIS A 166 4.85 3.40 6.65
C HIS A 166 4.21 2.49 7.70
N ALA A 167 5.01 2.13 8.71
CA ALA A 167 4.57 1.28 9.79
C ALA A 167 5.17 1.76 11.09
N TRP A 168 4.41 1.60 12.17
CA TRP A 168 4.87 1.94 13.52
C TRP A 168 4.10 1.04 14.49
N VAL A 169 4.07 1.40 15.77
CA VAL A 169 3.34 0.59 16.74
C VAL A 169 2.39 1.45 17.56
N VAL A 170 1.31 0.82 18.02
CA VAL A 170 0.47 1.39 19.06
C VAL A 170 0.58 0.51 20.30
N PHE A 171 0.32 1.09 21.46
CA PHE A 171 0.55 0.40 22.72
C PHE A 171 -0.08 1.23 23.85
N GLY A 172 -0.02 0.69 25.07
CA GLY A 172 -0.30 1.45 26.27
C GLY A 172 -1.76 1.47 26.64
N PRO A 173 -2.13 2.36 27.57
CA PRO A 173 -3.53 2.42 28.04
C PRO A 173 -4.51 2.59 26.89
N ASN A 174 -5.50 1.70 26.84
CA ASN A 174 -6.49 1.68 25.76
C ASN A 174 -5.84 1.54 24.37
N GLY A 175 -4.56 1.18 24.30
CA GLY A 175 -3.89 1.13 23.01
C GLY A 175 -3.78 2.50 22.36
N GLU A 176 -3.79 3.57 23.14
CA GLU A 176 -3.90 4.91 22.57
C GLU A 176 -2.55 5.55 22.27
N GLN A 177 -1.44 4.97 22.70
CA GLN A 177 -0.13 5.56 22.44
C GLN A 177 0.40 5.11 21.09
N THR A 178 1.19 5.98 20.44
CA THR A 178 1.90 5.59 19.22
C THR A 178 3.39 5.79 19.42
N ALA A 179 4.17 4.95 18.74
CA ALA A 179 5.62 5.07 18.80
C ALA A 179 6.22 4.66 17.46
N GLU A 180 7.05 5.53 16.90
CA GLU A 180 7.89 5.16 15.78
C GLU A 180 8.90 4.12 16.23
N VAL A 181 9.08 3.07 15.42
CA VAL A 181 10.04 2.01 15.74
C VAL A 181 10.98 1.69 14.59
N THR A 182 10.80 2.33 13.43
CA THR A 182 11.64 2.06 12.27
C THR A 182 11.86 3.38 11.53
N TRP A 183 12.63 3.30 10.44
CA TRP A 183 12.89 4.45 9.58
C TRP A 183 11.83 4.53 8.50
N HIS A 184 11.75 5.69 7.87
CA HIS A 184 10.92 5.84 6.69
C HIS A 184 11.74 6.50 5.59
N GLY A 185 11.71 5.90 4.42
CA GLY A 185 12.33 6.50 3.25
C GLY A 185 13.84 6.47 3.32
N LYS A 186 14.45 7.37 2.56
CA LYS A 186 15.89 7.44 2.39
C LYS A 186 16.31 8.88 2.62
N GLY A 187 17.29 9.08 3.51
CA GLY A 187 17.71 10.40 3.89
C GLY A 187 16.82 11.05 4.93
N ASN A 188 15.53 10.70 4.96
CA ASN A 188 14.69 11.07 6.09
C ASN A 188 15.29 10.48 7.36
N GLU A 189 15.30 11.28 8.42
CA GLU A 189 15.96 10.86 9.64
C GLU A 189 14.95 10.34 10.65
N ASP A 190 15.28 9.22 11.30
CA ASP A 190 14.26 8.49 12.03
C ASP A 190 13.89 9.25 13.31
N ARG A 191 12.62 9.10 13.68
CA ARG A 191 12.07 9.65 14.90
C ARG A 191 11.66 8.53 15.85
N ARG A 192 12.49 7.47 15.90
CA ARG A 192 12.14 6.30 16.69
C ARG A 192 11.92 6.70 18.14
N GLY A 193 10.83 6.20 18.72
CA GLY A 193 10.45 6.54 20.07
C GLY A 193 9.45 7.66 20.20
N GLN A 194 9.27 8.48 19.16
CA GLN A 194 8.32 9.59 19.19
C GLN A 194 6.93 9.14 18.75
N THR A 195 5.93 9.97 19.06
CA THR A 195 4.57 9.72 18.56
C THR A 195 4.47 10.06 17.07
N VAL A 196 3.33 9.72 16.47
CA VAL A 196 3.04 10.16 15.11
C VAL A 196 2.12 11.39 15.10
N ASN A 197 1.99 12.09 16.23
CA ASN A 197 0.99 13.15 16.32
C ASN A 197 1.30 14.32 15.39
N ALA A 198 2.58 14.69 15.22
CA ALA A 198 2.87 15.80 14.33
C ALA A 198 2.50 15.47 12.89
N GLY A 199 2.73 14.22 12.48
CA GLY A 199 2.38 13.82 11.13
C GLY A 199 0.88 13.77 10.89
N VAL A 200 0.11 13.32 11.90
CA VAL A 200 -1.35 13.38 11.81
C VAL A 200 -1.83 14.83 11.76
N ALA A 201 -1.31 15.67 12.65
CA ALA A 201 -1.74 17.07 12.69
C ALA A 201 -1.43 17.82 11.40
N GLU A 202 -0.36 17.45 10.69
CA GLU A 202 -0.06 18.20 9.48
C GLU A 202 -0.83 17.72 8.27
N ARG A 203 -1.67 16.69 8.41
CA ARG A 203 -2.55 16.20 7.34
C ARG A 203 -1.75 15.64 6.16
N SER A 204 -0.62 15.01 6.44
CA SER A 204 0.15 14.32 5.40
CA SER A 204 0.13 14.33 5.39
C SER A 204 -0.50 12.99 5.05
N TRP A 205 -0.33 12.59 3.78
CA TRP A 205 -0.78 11.27 3.37
C TRP A 205 -0.07 10.17 4.15
N LEU A 206 1.18 10.38 4.52
CA LEU A 206 1.94 9.33 5.21
C LEU A 206 1.24 8.86 6.49
N TYR A 207 0.56 9.75 7.20
CA TYR A 207 -0.15 9.34 8.42
C TYR A 207 -1.67 9.36 8.28
N LEU A 208 -2.18 9.56 7.06
CA LEU A 208 -3.58 9.33 6.71
C LEU A 208 -4.55 10.10 7.58
N LYS A 209 -4.13 11.27 8.08
CA LYS A 209 -4.97 12.09 8.95
C LYS A 209 -5.47 11.31 10.16
N GLY A 210 -4.72 10.31 10.58
CA GLY A 210 -5.12 9.48 11.70
C GLY A 210 -5.95 8.27 11.33
N SER A 211 -6.39 8.16 10.08
CA SER A 211 -7.18 7.02 9.64
C SER A 211 -6.30 5.88 9.15
N TYR A 212 -5.23 5.59 9.88
CA TYR A 212 -4.35 4.47 9.58
C TYR A 212 -4.89 3.21 10.24
N MET A 213 -4.30 2.07 9.87
CA MET A 213 -4.77 0.78 10.39
C MET A 213 -4.16 0.52 11.76
N ARG A 214 -4.99 0.14 12.74
CA ARG A 214 -4.53 -0.33 14.05
C ARG A 214 -4.77 -1.84 14.08
N CYS A 215 -3.70 -2.63 13.91
CA CYS A 215 -3.88 -4.07 13.75
C CYS A 215 -4.18 -4.76 15.07
N ASP A 216 -5.04 -5.78 15.01
CA ASP A 216 -5.04 -6.78 16.05
C ASP A 216 -4.12 -7.92 15.60
N ARG A 217 -3.99 -8.99 16.41
CA ARG A 217 -3.01 -10.01 16.06
C ARG A 217 -3.34 -10.68 14.74
N LYS A 218 -4.63 -10.80 14.42
CA LYS A 218 -5.03 -11.45 13.20
C LYS A 218 -4.68 -10.60 11.97
N MET A 219 -4.84 -9.28 12.08
CA MET A 219 -4.41 -8.39 11.01
C MET A 219 -2.89 -8.37 10.85
N GLU A 220 -2.16 -8.57 11.94
CA GLU A 220 -0.71 -8.71 11.81
C GLU A 220 -0.35 -9.98 11.04
N VAL A 221 -1.15 -11.05 11.18
CA VAL A 221 -0.95 -12.22 10.32
C VAL A 221 -1.22 -11.85 8.87
N ALA A 222 -2.29 -11.09 8.63
CA ALA A 222 -2.60 -10.67 7.27
C ALA A 222 -1.47 -9.83 6.67
N PHE A 223 -0.84 -8.99 7.49
CA PHE A 223 0.28 -8.18 7.00
C PHE A 223 1.43 -9.06 6.53
N MET A 224 1.81 -10.06 7.34
CA MET A 224 2.95 -10.91 6.94
C MET A 224 2.61 -11.70 5.67
N VAL A 225 1.33 -12.02 5.48
CA VAL A 225 0.91 -12.71 4.26
C VAL A 225 0.99 -11.76 3.07
N CYS A 226 0.50 -10.52 3.21
CA CYS A 226 0.71 -9.53 2.15
C CYS A 226 2.19 -9.34 1.88
N ALA A 227 3.03 -9.45 2.91
CA ALA A 227 4.46 -9.20 2.74
C ALA A 227 5.20 -10.33 2.02
N ILE A 228 4.58 -11.50 1.82
CA ILE A 228 5.20 -12.53 1.00
C ILE A 228 5.59 -11.90 -0.33
N ASN A 229 6.79 -12.21 -0.81
CA ASN A 229 7.25 -11.66 -2.09
C ASN A 229 7.54 -12.81 -3.04
N PRO A 230 6.64 -13.11 -3.97
CA PRO A 230 6.84 -14.25 -4.88
C PRO A 230 7.91 -14.03 -5.94
N SER A 231 8.46 -12.81 -6.06
CA SER A 231 9.36 -12.51 -7.17
C SER A 231 10.65 -13.31 -7.08
N ILE A 232 10.99 -14.02 -8.16
CA ILE A 232 12.30 -14.64 -8.28
C ILE A 232 13.30 -13.69 -8.92
N ASP A 233 12.89 -13.05 -10.01
CA ASP A 233 13.64 -11.94 -10.60
C ASP A 233 12.66 -11.03 -11.32
N LEU A 234 13.18 -10.20 -12.22
CA LEU A 234 12.37 -9.17 -12.86
C LEU A 234 11.20 -9.75 -13.65
N HIS A 235 11.39 -10.92 -14.26
CA HIS A 235 10.42 -11.46 -15.19
C HIS A 235 9.78 -12.77 -14.72
N THR A 236 10.11 -13.24 -13.52
CA THR A 236 9.69 -14.57 -13.09
C THR A 236 9.18 -14.51 -11.65
N ASP A 237 7.98 -15.02 -11.42
CA ASP A 237 7.43 -15.21 -10.09
C ASP A 237 7.43 -16.69 -9.74
N SER A 238 7.56 -16.98 -8.45
CA SER A 238 7.33 -18.33 -7.95
C SER A 238 5.83 -18.64 -7.96
N LEU A 239 5.43 -19.61 -8.79
CA LEU A 239 4.05 -20.07 -8.78
C LEU A 239 3.65 -20.62 -7.41
N GLU A 240 4.58 -21.33 -6.75
CA GLU A 240 4.31 -21.89 -5.43
C GLU A 240 4.00 -20.77 -4.43
N LEU A 241 4.80 -19.71 -4.44
CA LEU A 241 4.58 -18.61 -3.51
C LEU A 241 3.32 -17.80 -3.84
N LEU A 242 3.04 -17.60 -5.13
CA LEU A 242 1.77 -16.99 -5.50
C LEU A 242 0.59 -17.80 -4.96
N GLN A 243 0.62 -19.12 -5.15
CA GLN A 243 -0.48 -19.96 -4.69
C GLN A 243 -0.57 -19.98 -3.17
N LEU A 244 0.58 -20.01 -2.48
CA LEU A 244 0.58 -19.98 -1.02
C LEU A 244 -0.03 -18.68 -0.50
N GLN A 245 0.41 -17.53 -1.05
CA GLN A 245 -0.12 -16.25 -0.61
C GLN A 245 -1.61 -16.16 -0.89
N GLN A 246 -2.05 -16.66 -2.04
CA GLN A 246 -3.46 -16.62 -2.41
C GLN A 246 -4.31 -17.45 -1.44
N LYS A 247 -3.85 -18.67 -1.14
CA LYS A 247 -4.62 -19.52 -0.24
C LYS A 247 -4.68 -18.95 1.16
N LEU A 248 -3.57 -18.36 1.63
CA LEU A 248 -3.56 -17.77 2.96
C LEU A 248 -4.45 -16.54 3.04
N LEU A 249 -4.48 -15.72 1.98
CA LEU A 249 -5.42 -14.61 1.94
C LEU A 249 -6.87 -15.08 1.95
N TRP A 250 -7.19 -16.18 1.25
CA TRP A 250 -8.58 -16.65 1.32
C TRP A 250 -8.92 -17.17 2.71
N LEU A 251 -7.96 -17.83 3.37
CA LEU A 251 -8.20 -18.29 4.73
C LEU A 251 -8.53 -17.10 5.64
N LEU A 252 -7.71 -16.06 5.59
CA LEU A 252 -7.95 -14.85 6.36
C LEU A 252 -9.28 -14.20 5.98
N TYR A 253 -9.56 -14.15 4.69
CA TYR A 253 -10.82 -13.60 4.22
C TYR A 253 -12.01 -14.33 4.85
N ASP A 254 -12.01 -15.66 4.76
CA ASP A 254 -13.13 -16.46 5.26
C ASP A 254 -13.32 -16.30 6.76
N LEU A 255 -12.23 -16.09 7.50
CA LEU A 255 -12.32 -15.89 8.94
C LEU A 255 -12.69 -14.47 9.32
N GLY A 256 -12.82 -13.58 8.35
CA GLY A 256 -13.21 -12.21 8.61
C GLY A 256 -12.08 -11.25 8.87
N HIS A 257 -10.83 -11.67 8.71
CA HIS A 257 -9.70 -10.85 9.15
C HIS A 257 -9.17 -9.90 8.07
N LEU A 258 -9.76 -9.89 6.88
CA LEU A 258 -9.44 -8.85 5.89
C LEU A 258 -10.50 -7.75 5.87
N GLU A 259 -11.52 -7.85 6.73
CA GLU A 259 -12.62 -6.89 6.75
C GLU A 259 -12.12 -5.45 6.85
N ARG A 260 -11.08 -5.22 7.65
CA ARG A 260 -10.53 -3.88 7.89
C ARG A 260 -9.17 -3.69 7.22
N TYR A 261 -8.89 -4.44 6.14
CA TYR A 261 -7.58 -4.41 5.48
C TYR A 261 -7.76 -4.18 3.98
N PRO A 262 -8.06 -2.93 3.57
CA PRO A 262 -8.28 -2.66 2.12
C PRO A 262 -7.20 -3.18 1.20
N MET A 263 -5.92 -2.94 1.51
CA MET A 263 -4.88 -3.31 0.55
C MET A 263 -4.74 -4.81 0.42
N ALA A 264 -5.05 -5.57 1.49
CA ALA A 264 -5.02 -7.03 1.37
C ALA A 264 -6.08 -7.53 0.42
N LEU A 265 -7.27 -6.89 0.42
CA LEU A 265 -8.32 -7.26 -0.52
C LEU A 265 -7.88 -6.96 -1.96
N GLY A 266 -7.18 -5.83 -2.17
CA GLY A 266 -6.65 -5.55 -3.49
C GLY A 266 -5.57 -6.53 -3.91
N ASN A 267 -4.70 -6.93 -2.97
CA ASN A 267 -3.71 -7.98 -3.23
C ASN A 267 -4.39 -9.29 -3.66
N LEU A 268 -5.41 -9.70 -2.91
CA LEU A 268 -6.12 -10.92 -3.26
C LEU A 268 -6.81 -10.80 -4.63
N ALA A 269 -7.41 -9.63 -4.92
CA ALA A 269 -8.00 -9.43 -6.24
C ALA A 269 -6.95 -9.55 -7.35
N ASP A 270 -5.76 -8.95 -7.14
CA ASP A 270 -4.68 -9.10 -8.12
C ASP A 270 -4.34 -10.57 -8.36
N LEU A 271 -4.30 -11.37 -7.29
CA LEU A 271 -3.95 -12.79 -7.43
C LEU A 271 -5.05 -13.56 -8.16
N GLU A 272 -6.32 -13.22 -7.90
CA GLU A 272 -7.42 -13.87 -8.59
C GLU A 272 -7.42 -13.53 -10.07
N GLU A 273 -7.02 -12.31 -10.41
CA GLU A 273 -6.92 -11.94 -11.81
C GLU A 273 -5.90 -12.82 -12.51
N LEU A 274 -4.78 -13.07 -11.84
CA LEU A 274 -3.71 -13.89 -12.41
C LEU A 274 -4.15 -15.35 -12.57
N GLU A 275 -4.80 -15.91 -11.55
CA GLU A 275 -5.24 -17.29 -11.59
C GLU A 275 -6.49 -17.43 -10.74
N PRO A 276 -7.67 -17.36 -11.35
CA PRO A 276 -8.91 -17.35 -10.55
C PRO A 276 -9.15 -18.67 -9.86
N THR A 277 -9.66 -18.58 -8.64
CA THR A 277 -10.07 -19.76 -7.88
C THR A 277 -11.54 -20.05 -8.16
N PRO A 278 -11.89 -21.25 -8.61
CA PRO A 278 -13.30 -21.54 -8.93
C PRO A 278 -14.20 -21.32 -7.72
N GLY A 279 -15.31 -20.62 -7.95
CA GLY A 279 -16.28 -20.38 -6.92
C GLY A 279 -16.10 -19.10 -6.15
N ARG A 280 -14.96 -18.43 -6.29
CA ARG A 280 -14.67 -17.22 -5.53
C ARG A 280 -15.16 -15.97 -6.26
N PRO A 281 -15.33 -14.87 -5.54
CA PRO A 281 -15.69 -13.59 -6.19
C PRO A 281 -14.68 -13.17 -7.26
N ASP A 282 -15.18 -12.46 -8.29
CA ASP A 282 -14.33 -11.90 -9.33
C ASP A 282 -13.37 -10.88 -8.73
N PRO A 283 -12.23 -10.61 -9.39
CA PRO A 283 -11.39 -9.50 -8.96
C PRO A 283 -12.15 -8.19 -8.78
N LEU A 284 -13.07 -7.86 -9.67
CA LEU A 284 -13.79 -6.59 -9.56
C LEU A 284 -14.57 -6.51 -8.25
N THR A 285 -15.28 -7.59 -7.90
CA THR A 285 -15.97 -7.64 -6.62
C THR A 285 -15.02 -7.38 -5.46
N LEU A 286 -13.80 -7.95 -5.53
CA LEU A 286 -12.83 -7.79 -4.47
C LEU A 286 -12.26 -6.37 -4.42
N TYR A 287 -11.97 -5.76 -5.57
CA TYR A 287 -11.53 -4.36 -5.53
C TYR A 287 -12.57 -3.48 -4.88
N HIS A 288 -13.86 -3.73 -5.19
CA HIS A 288 -14.91 -2.91 -4.62
C HIS A 288 -15.12 -3.19 -3.12
N LYS A 289 -14.87 -4.41 -2.66
CA LYS A 289 -14.86 -4.67 -1.23
CA LYS A 289 -14.86 -4.67 -1.23
C LYS A 289 -13.73 -3.91 -0.55
N GLY A 290 -12.57 -3.82 -1.21
CA GLY A 290 -11.47 -3.06 -0.66
C GLY A 290 -11.82 -1.59 -0.52
N ILE A 291 -12.46 -1.03 -1.54
CA ILE A 291 -12.96 0.34 -1.46
C ILE A 291 -14.04 0.46 -0.39
N ALA A 292 -14.94 -0.51 -0.29
CA ALA A 292 -15.97 -0.47 0.76
C ALA A 292 -15.35 -0.49 2.15
N SER A 293 -14.28 -1.28 2.33
CA SER A 293 -13.61 -1.34 3.63
C SER A 293 -13.02 0.03 4.00
N ALA A 294 -12.38 0.69 3.04
CA ALA A 294 -11.80 2.02 3.28
C ALA A 294 -12.87 3.04 3.63
N LYS A 295 -14.02 3.01 2.93
CA LYS A 295 -15.11 3.94 3.25
C LYS A 295 -15.68 3.66 4.63
N THR A 296 -15.78 2.39 5.00
CA THR A 296 -16.45 1.99 6.24
C THR A 296 -15.58 2.25 7.48
N TYR A 297 -14.30 1.90 7.41
CA TYR A 297 -13.45 1.91 8.60
C TYR A 297 -12.45 3.04 8.63
N TYR A 298 -12.15 3.67 7.48
CA TYR A 298 -11.05 4.62 7.38
C TYR A 298 -11.48 5.94 6.74
N ARG A 299 -12.78 6.28 6.84
CA ARG A 299 -13.32 7.57 6.39
C ARG A 299 -13.02 7.86 4.90
N ASP A 300 -12.87 6.80 4.09
CA ASP A 300 -12.56 6.96 2.66
C ASP A 300 -11.32 7.80 2.45
N GLU A 301 -10.30 7.63 3.31
CA GLU A 301 -9.10 8.46 3.25
C GLU A 301 -7.90 7.72 2.69
N HIS A 302 -8.12 6.57 2.07
CA HIS A 302 -7.05 5.75 1.53
C HIS A 302 -6.99 5.86 0.01
N ILE A 303 -5.77 5.93 -0.53
CA ILE A 303 -5.57 6.05 -1.97
C ILE A 303 -5.52 4.71 -2.69
N TYR A 304 -4.83 3.72 -2.12
CA TYR A 304 -4.55 2.52 -2.88
C TYR A 304 -5.78 1.68 -3.24
N PRO A 305 -6.89 1.67 -2.49
CA PRO A 305 -8.05 0.90 -2.99
C PRO A 305 -8.47 1.35 -4.38
N TYR A 306 -8.44 2.65 -4.65
CA TYR A 306 -8.78 3.13 -5.99
C TYR A 306 -7.67 2.87 -7.00
N MET A 307 -6.40 2.91 -6.57
CA MET A 307 -5.32 2.61 -7.51
C MET A 307 -5.36 1.14 -7.91
N TYR A 308 -5.65 0.23 -6.97
CA TYR A 308 -5.79 -1.18 -7.32
C TYR A 308 -6.84 -1.34 -8.41
N LEU A 309 -7.98 -0.68 -8.24
CA LEU A 309 -9.06 -0.80 -9.22
C LEU A 309 -8.64 -0.22 -10.56
N ALA A 310 -8.05 0.98 -10.55
CA ALA A 310 -7.62 1.62 -11.79
C ALA A 310 -6.61 0.77 -12.54
N GLY A 311 -5.66 0.16 -11.82
CA GLY A 311 -4.67 -0.68 -12.49
C GLY A 311 -5.28 -1.88 -13.19
N TYR A 312 -6.23 -2.53 -12.54
CA TYR A 312 -6.98 -3.61 -13.18
C TYR A 312 -7.64 -3.13 -14.47
N HIS A 313 -8.37 -2.01 -14.41
CA HIS A 313 -9.04 -1.52 -15.61
C HIS A 313 -8.03 -1.10 -16.66
N CYS A 314 -6.90 -0.55 -16.23
CA CYS A 314 -5.82 -0.22 -17.16
C CYS A 314 -5.28 -1.47 -17.86
N ARG A 315 -5.00 -2.54 -17.11
CA ARG A 315 -4.50 -3.75 -17.75
C ARG A 315 -5.50 -4.33 -18.73
N ASN A 316 -6.78 -4.11 -18.47
CA ASN A 316 -7.80 -4.64 -19.36
C ASN A 316 -8.22 -3.63 -20.41
N ARG A 317 -7.49 -2.51 -20.51
CA ARG A 317 -7.72 -1.42 -21.49
C ARG A 317 -9.15 -0.90 -21.42
N ASN A 318 -9.74 -0.90 -20.22
CA ASN A 318 -11.04 -0.29 -19.98
C ASN A 318 -10.81 1.17 -19.61
N VAL A 319 -10.71 2.02 -20.63
CA VAL A 319 -10.25 3.40 -20.41
C VAL A 319 -11.26 4.16 -19.56
N ARG A 320 -12.55 4.01 -19.86
CA ARG A 320 -13.59 4.69 -19.10
C ARG A 320 -13.48 4.38 -17.61
N GLU A 321 -13.40 3.10 -17.25
CA GLU A 321 -13.41 2.74 -15.83
C GLU A 321 -12.08 3.03 -15.16
N ALA A 322 -10.97 2.99 -15.90
CA ALA A 322 -9.69 3.40 -15.33
C ALA A 322 -9.70 4.88 -15.02
N LEU A 323 -10.21 5.69 -15.93
CA LEU A 323 -10.28 7.13 -15.66
C LEU A 323 -11.19 7.43 -14.48
N GLN A 324 -12.31 6.70 -14.36
CA GLN A 324 -13.17 6.93 -13.20
C GLN A 324 -12.44 6.62 -11.89
N ALA A 325 -11.69 5.53 -11.86
CA ALA A 325 -10.99 5.14 -10.65
C ALA A 325 -9.87 6.12 -10.32
N TRP A 326 -9.14 6.62 -11.32
CA TRP A 326 -8.11 7.63 -11.03
C TRP A 326 -8.73 8.96 -10.59
N ALA A 327 -9.88 9.33 -11.16
CA ALA A 327 -10.59 10.51 -10.63
C ALA A 327 -10.91 10.34 -9.15
N ASP A 328 -11.37 9.14 -8.77
CA ASP A 328 -11.66 8.87 -7.36
C ASP A 328 -10.39 8.90 -6.51
N THR A 329 -9.25 8.48 -7.07
CA THR A 329 -7.99 8.59 -6.32
CA THR A 329 -8.00 8.58 -6.33
C THR A 329 -7.66 10.04 -6.04
N ALA A 330 -7.86 10.92 -7.03
CA ALA A 330 -7.61 12.33 -6.84
C ALA A 330 -8.59 12.97 -5.88
N THR A 331 -9.84 12.50 -5.84
CA THR A 331 -10.81 13.04 -4.90
C THR A 331 -10.47 12.66 -3.46
N VAL A 332 -9.73 11.58 -3.24
CA VAL A 332 -9.20 11.31 -1.90
C VAL A 332 -8.03 12.23 -1.60
N ILE A 333 -7.05 12.31 -2.51
CA ILE A 333 -5.83 13.06 -2.20
C ILE A 333 -6.11 14.55 -2.02
N GLN A 334 -7.23 15.05 -2.54
CA GLN A 334 -7.40 16.50 -2.55
C GLN A 334 -7.55 17.09 -1.15
N ASP A 335 -7.96 16.29 -0.17
CA ASP A 335 -8.12 16.75 1.21
C ASP A 335 -6.90 16.48 2.07
N TYR A 336 -5.75 16.22 1.46
CA TYR A 336 -4.49 16.11 2.16
C TYR A 336 -3.65 17.35 1.88
N ASN A 337 -2.63 17.55 2.71
CA ASN A 337 -1.56 18.50 2.43
C ASN A 337 -0.34 17.72 1.94
N TYR A 338 0.27 18.19 0.84
CA TYR A 338 1.43 17.47 0.31
C TYR A 338 2.63 17.84 1.19
N CYS A 339 3.19 16.85 1.88
CA CYS A 339 4.26 17.12 2.82
C CYS A 339 5.52 16.39 2.39
N ARG A 340 6.64 16.83 2.97
CA ARG A 340 7.86 16.07 2.86
C ARG A 340 7.62 14.70 3.47
N GLU A 341 8.06 13.67 2.78
CA GLU A 341 7.93 12.24 3.07
C GLU A 341 6.68 11.63 2.42
N ASP A 342 5.86 12.42 1.72
CA ASP A 342 4.78 11.89 0.90
C ASP A 342 5.23 11.57 -0.53
N GLU A 343 6.54 11.51 -0.79
CA GLU A 343 7.01 11.45 -2.17
C GLU A 343 6.54 10.20 -2.92
N GLU A 344 6.25 9.10 -2.21
CA GLU A 344 5.81 7.91 -2.94
C GLU A 344 4.47 8.13 -3.64
N ILE A 345 3.54 8.83 -3.00
CA ILE A 345 2.23 9.04 -3.65
C ILE A 345 2.33 10.12 -4.73
N TYR A 346 3.22 11.11 -4.56
CA TYR A 346 3.49 12.05 -5.66
C TYR A 346 3.99 11.29 -6.89
N LYS A 347 4.92 10.34 -6.69
CA LYS A 347 5.46 9.55 -7.79
C LYS A 347 4.37 8.78 -8.53
N GLU A 348 3.45 8.16 -7.78
CA GLU A 348 2.36 7.41 -8.41
C GLU A 348 1.46 8.33 -9.23
N PHE A 349 1.05 9.47 -8.66
CA PHE A 349 0.22 10.41 -9.44
C PHE A 349 0.97 10.94 -10.65
N PHE A 350 2.25 11.28 -10.48
CA PHE A 350 3.06 11.73 -11.61
C PHE A 350 3.07 10.71 -12.72
N GLU A 351 3.30 9.44 -12.36
CA GLU A 351 3.39 8.39 -13.37
C GLU A 351 2.05 8.15 -14.05
N VAL A 352 0.94 8.22 -13.30
CA VAL A 352 -0.38 8.06 -13.90
C VAL A 352 -0.66 9.20 -14.87
N ALA A 353 -0.44 10.44 -14.43
CA ALA A 353 -0.74 11.61 -15.26
C ALA A 353 0.16 11.66 -16.48
N ASN A 354 1.43 11.30 -16.32
CA ASN A 354 2.43 11.68 -17.31
C ASN A 354 2.98 10.49 -18.08
N ASP A 355 2.51 9.27 -17.79
CA ASP A 355 2.92 8.11 -18.58
C ASP A 355 1.74 7.19 -18.87
N VAL A 356 1.00 6.81 -17.82
CA VAL A 356 -0.02 5.76 -18.00
C VAL A 356 -1.22 6.29 -18.78
N ILE A 357 -1.79 7.41 -18.33
CA ILE A 357 -2.91 7.99 -19.07
C ILE A 357 -2.49 8.36 -20.50
N PRO A 358 -1.34 9.01 -20.74
CA PRO A 358 -1.00 9.32 -22.14
C PRO A 358 -0.93 8.08 -23.01
N ASN A 359 -0.36 7.00 -22.51
CA ASN A 359 -0.24 5.80 -23.35
C ASN A 359 -1.59 5.14 -23.57
N LEU A 360 -2.46 5.16 -22.55
CA LEU A 360 -3.82 4.65 -22.72
C LEU A 360 -4.57 5.45 -23.77
N LEU A 361 -4.48 6.78 -23.70
CA LEU A 361 -5.24 7.59 -24.62
C LEU A 361 -4.65 7.55 -26.03
N LYS A 362 -3.33 7.36 -26.13
CA LYS A 362 -2.72 7.21 -27.43
C LYS A 362 -3.27 5.97 -28.15
N GLU A 363 -3.33 4.83 -27.46
CA GLU A 363 -3.93 3.65 -28.05
C GLU A 363 -5.41 3.88 -28.37
N ALA A 364 -6.14 4.52 -27.46
CA ALA A 364 -7.55 4.80 -27.73
C ALA A 364 -7.71 5.64 -28.99
N ALA A 365 -6.80 6.59 -29.22
CA ALA A 365 -6.88 7.42 -30.42
C ALA A 365 -6.69 6.59 -31.69
N SER A 366 -5.73 5.67 -31.67
CA SER A 366 -5.51 4.78 -32.81
C SER A 366 -6.72 3.89 -33.07
N LEU A 367 -7.34 3.38 -32.00
CA LEU A 367 -8.50 2.51 -32.19
C LEU A 367 -9.71 3.30 -32.66
N LEU A 368 -9.83 4.56 -32.21
CA LEU A 368 -10.87 5.45 -32.73
C LEU A 368 -10.70 5.68 -34.24
N GLU A 369 -9.47 5.93 -34.67
CA GLU A 369 -9.21 6.07 -36.10
C GLU A 369 -9.58 4.80 -36.85
N ALA A 370 -9.40 3.64 -36.23
CA ALA A 370 -9.76 2.36 -36.83
C ALA A 370 -11.25 2.05 -36.67
N GLY A 371 -12.06 3.00 -36.23
CA GLY A 371 -13.50 2.85 -36.24
C GLY A 371 -14.12 2.27 -34.98
N SER A 372 -13.43 2.32 -33.85
CA SER A 372 -14.06 1.80 -32.64
C SER A 372 -15.30 2.63 -32.31
N GLN A 373 -16.29 1.98 -31.71
CA GLN A 373 -17.52 2.63 -31.28
C GLN A 373 -17.60 2.59 -29.75
N GLY A 374 -18.33 3.55 -29.20
CA GLY A 374 -18.37 3.66 -27.75
C GLY A 374 -17.04 4.02 -27.14
N SER A 375 -16.12 4.60 -27.92
CA SER A 375 -14.81 4.96 -27.42
C SER A 375 -14.90 5.91 -26.23
N ALA A 376 -14.01 5.70 -25.25
CA ALA A 376 -13.87 6.68 -24.17
C ALA A 376 -13.58 8.08 -24.72
N LEU A 377 -12.87 8.19 -25.84
CA LEU A 377 -12.55 9.51 -26.37
C LEU A 377 -13.76 10.23 -26.94
N GLN A 378 -14.88 9.54 -27.14
CA GLN A 378 -16.10 10.20 -27.57
C GLN A 378 -17.12 10.30 -26.44
N ASP A 379 -16.72 9.95 -25.21
CA ASP A 379 -17.62 9.96 -24.08
C ASP A 379 -17.34 11.21 -23.23
N PRO A 380 -18.25 12.19 -23.20
CA PRO A 380 -18.02 13.35 -22.31
C PRO A 380 -17.80 12.98 -20.85
N GLU A 381 -18.44 11.92 -20.35
CA GLU A 381 -18.21 11.55 -18.95
C GLU A 381 -16.77 11.13 -18.73
N CYS A 382 -16.14 10.57 -19.76
CA CYS A 382 -14.73 10.23 -19.65
CA CYS A 382 -14.74 10.23 -19.69
C CYS A 382 -13.86 11.47 -19.61
N PHE A 383 -14.19 12.49 -20.41
CA PHE A 383 -13.47 13.75 -20.32
C PHE A 383 -13.64 14.35 -18.93
N ALA A 384 -14.85 14.28 -18.37
CA ALA A 384 -15.07 14.81 -17.03
C ALA A 384 -14.20 14.10 -16.00
N HIS A 385 -13.99 12.78 -16.15
CA HIS A 385 -13.13 12.05 -15.21
C HIS A 385 -11.70 12.55 -15.29
N LEU A 386 -11.21 12.78 -16.51
CA LEU A 386 -9.87 13.35 -16.67
C LEU A 386 -9.78 14.70 -15.96
N LEU A 387 -10.80 15.54 -16.14
CA LEU A 387 -10.78 16.85 -15.49
C LEU A 387 -10.82 16.72 -13.96
N ARG A 388 -11.63 15.79 -13.45
CA ARG A 388 -11.72 15.64 -12.00
C ARG A 388 -10.42 15.11 -11.42
N PHE A 389 -9.74 14.24 -12.16
CA PHE A 389 -8.40 13.79 -11.76
C PHE A 389 -7.45 14.97 -11.58
N TYR A 390 -7.35 15.86 -12.59
CA TYR A 390 -6.48 17.01 -12.43
C TYR A 390 -6.98 17.97 -11.35
N ASP A 391 -8.30 18.11 -11.21
CA ASP A 391 -8.83 18.98 -10.16
C ASP A 391 -8.39 18.51 -8.76
N GLY A 392 -8.40 17.20 -8.52
CA GLY A 392 -8.03 16.75 -7.18
C GLY A 392 -6.55 16.97 -6.91
N ILE A 393 -5.73 16.80 -7.94
CA ILE A 393 -4.30 17.06 -7.78
C ILE A 393 -4.05 18.55 -7.52
N CYS A 394 -4.73 19.42 -8.25
CA CYS A 394 -4.59 20.86 -7.99
C CYS A 394 -5.06 21.23 -6.60
N LYS A 395 -6.15 20.63 -6.13
CA LYS A 395 -6.66 20.93 -4.80
C LYS A 395 -5.73 20.40 -3.71
N TRP A 396 -5.17 19.21 -3.92
CA TRP A 396 -4.10 18.69 -3.07
C TRP A 396 -3.03 19.74 -2.83
N GLU A 397 -2.58 20.37 -3.92
CA GLU A 397 -1.49 21.34 -3.84
C GLU A 397 -1.86 22.55 -2.99
N GLU A 398 -3.14 22.93 -2.97
CA GLU A 398 -3.55 24.13 -2.25
C GLU A 398 -3.23 24.01 -0.76
N GLY A 399 -2.59 25.04 -0.20
CA GLY A 399 -2.24 25.02 1.21
C GLY A 399 -1.21 24.00 1.61
N SER A 400 -0.59 23.32 0.65
CA SER A 400 0.47 22.41 1.02
C SER A 400 1.78 23.16 1.24
N PRO A 401 2.66 22.65 2.10
CA PRO A 401 3.95 23.33 2.35
C PRO A 401 4.91 23.27 1.17
N THR A 402 4.62 22.48 0.14
CA THR A 402 5.46 22.37 -1.05
C THR A 402 4.57 22.16 -2.26
N PRO A 403 4.94 22.71 -3.42
CA PRO A 403 4.08 22.58 -4.61
C PRO A 403 4.05 21.15 -5.14
N VAL A 404 3.11 20.94 -6.06
CA VAL A 404 2.93 19.67 -6.75
C VAL A 404 3.19 19.82 -8.24
N LEU A 405 2.52 20.76 -8.89
CA LEU A 405 2.55 20.88 -10.33
C LEU A 405 3.71 21.73 -10.79
N HIS A 406 4.22 21.41 -11.97
CA HIS A 406 5.24 22.22 -12.63
C HIS A 406 5.06 22.04 -14.13
N VAL A 407 5.87 22.75 -14.91
CA VAL A 407 5.61 22.75 -16.35
C VAL A 407 5.79 21.36 -16.95
N GLY A 408 6.50 20.46 -16.26
CA GLY A 408 6.64 19.10 -16.72
C GLY A 408 5.36 18.29 -16.69
N TRP A 409 4.36 18.77 -15.96
CA TRP A 409 3.00 18.23 -16.03
C TRP A 409 2.17 18.88 -17.13
N ALA A 410 2.50 20.13 -17.50
CA ALA A 410 1.61 20.91 -18.36
C ALA A 410 1.55 20.32 -19.76
N THR A 411 2.68 19.85 -20.28
CA THR A 411 2.70 19.34 -21.65
C THR A 411 1.81 18.12 -21.79
N PHE A 412 1.81 17.25 -20.80
CA PHE A 412 0.97 16.06 -20.87
C PHE A 412 -0.50 16.39 -20.67
N LEU A 413 -0.80 17.37 -19.82
CA LEU A 413 -2.19 17.82 -19.71
C LEU A 413 -2.69 18.30 -21.06
N VAL A 414 -1.93 19.16 -21.73
CA VAL A 414 -2.36 19.66 -23.03
C VAL A 414 -2.57 18.52 -24.01
N GLN A 415 -1.67 17.53 -24.00
CA GLN A 415 -1.80 16.42 -24.93
C GLN A 415 -3.04 15.57 -24.62
N SER A 416 -3.28 15.29 -23.34
CA SER A 416 -4.40 14.44 -22.99
C SER A 416 -5.73 15.15 -23.26
N LEU A 417 -5.83 16.45 -22.93
CA LEU A 417 -7.03 17.20 -23.30
C LEU A 417 -7.33 17.10 -24.79
N GLY A 418 -6.30 17.26 -25.64
CA GLY A 418 -6.45 17.26 -27.09
C GLY A 418 -6.84 15.91 -27.68
N ARG A 419 -6.71 14.82 -26.93
CA ARG A 419 -7.17 13.53 -27.39
C ARG A 419 -8.69 13.48 -27.50
N PHE A 420 -9.40 14.39 -26.83
CA PHE A 420 -10.84 14.52 -26.94
C PHE A 420 -11.17 15.64 -27.90
N GLU A 421 -11.97 15.35 -28.93
CA GLU A 421 -12.34 16.38 -29.90
C GLU A 421 -13.17 17.48 -29.21
N GLY A 422 -13.14 18.68 -29.79
CA GLY A 422 -13.83 19.82 -29.17
C GLY A 422 -15.30 19.56 -28.94
N GLN A 423 -15.96 18.86 -29.87
CA GLN A 423 -17.38 18.59 -29.72
C GLN A 423 -17.66 17.63 -28.56
N VAL A 424 -16.69 16.82 -28.17
CA VAL A 424 -16.86 16.01 -26.96
C VAL A 424 -16.67 16.86 -25.72
N ARG A 425 -15.60 17.65 -25.69
CA ARG A 425 -15.29 18.48 -24.52
C ARG A 425 -16.38 19.49 -24.24
N GLN A 426 -17.05 19.98 -25.30
CA GLN A 426 -18.11 20.98 -25.16
CA GLN A 426 -18.09 20.98 -25.13
C GLN A 426 -19.28 20.45 -24.36
N LYS A 427 -19.48 19.14 -24.34
CA LYS A 427 -20.68 18.59 -23.70
CA LYS A 427 -20.67 18.58 -23.70
C LYS A 427 -20.58 18.53 -22.18
N VAL A 428 -19.41 18.75 -21.59
CA VAL A 428 -19.29 18.76 -20.13
C VAL A 428 -19.72 20.13 -19.61
N ARG A 429 -20.72 20.15 -18.75
CA ARG A 429 -21.16 21.39 -18.13
C ARG A 429 -20.41 21.54 -16.82
N ILE A 430 -19.63 22.60 -16.70
CA ILE A 430 -18.85 22.84 -15.49
C ILE A 430 -19.64 23.87 -14.69
N VAL A 431 -20.19 23.43 -13.56
CA VAL A 431 -21.11 24.24 -12.76
C VAL A 431 -20.41 24.72 -11.50
N SER A 432 -20.73 25.94 -11.11
CA SER A 432 -20.09 26.63 -10.00
C SER A 432 -20.93 26.48 -8.75
N VAL A 433 -20.27 26.18 -7.64
CA VAL A 433 -20.91 26.17 -6.32
C VAL A 433 -20.58 27.51 -5.66
N PRO A 434 -21.59 28.34 -5.33
CA PRO A 434 -23.01 28.13 -5.59
C PRO A 434 -23.45 28.59 -6.99
N PRO A 445 -23.99 15.64 -18.58
CA PRO A 445 -22.69 15.54 -17.87
C PRO A 445 -22.36 16.86 -17.15
N VAL A 446 -22.20 16.76 -15.83
CA VAL A 446 -22.00 17.93 -14.97
CA VAL A 446 -22.02 17.93 -14.97
C VAL A 446 -20.83 17.68 -14.05
N LEU A 447 -20.01 18.71 -13.85
CA LEU A 447 -18.80 18.60 -13.05
C LEU A 447 -18.59 19.90 -12.28
N THR A 448 -18.23 19.78 -11.00
CA THR A 448 -17.89 20.93 -10.17
C THR A 448 -16.40 20.84 -9.80
N PHE A 449 -15.67 21.93 -10.00
CA PHE A 449 -14.26 21.97 -9.63
C PHE A 449 -14.09 22.41 -8.17
N GLN A 450 -13.17 21.77 -7.47
CA GLN A 450 -12.80 22.21 -6.13
C GLN A 450 -11.59 23.14 -6.12
N SER A 451 -10.69 22.99 -7.09
CA SER A 451 -9.43 23.71 -7.08
C SER A 451 -9.57 25.03 -7.82
N GLU A 452 -8.88 26.06 -7.32
CA GLU A 452 -8.91 27.33 -8.05
C GLU A 452 -8.20 27.21 -9.40
N LYS A 453 -7.17 26.36 -9.53
CA LYS A 453 -6.50 26.25 -10.83
C LYS A 453 -7.48 25.79 -11.91
N MET A 454 -8.25 24.73 -11.64
CA MET A 454 -9.13 24.23 -12.69
C MET A 454 -10.33 25.17 -12.92
N LYS A 455 -10.79 25.88 -11.89
CA LYS A 455 -11.83 26.88 -12.11
C LYS A 455 -11.38 27.94 -13.12
N GLY A 456 -10.14 28.41 -13.00
CA GLY A 456 -9.67 29.38 -13.97
C GLY A 456 -9.41 28.78 -15.34
N MET A 457 -9.28 27.46 -15.42
CA MET A 457 -9.02 26.83 -16.70
C MET A 457 -10.30 26.56 -17.48
N LYS A 458 -11.47 26.75 -16.85
CA LYS A 458 -12.72 26.29 -17.43
C LYS A 458 -12.90 26.78 -18.86
N GLU A 459 -12.76 28.09 -19.10
CA GLU A 459 -13.02 28.63 -20.43
C GLU A 459 -12.12 28.03 -21.50
N LEU A 460 -10.89 27.65 -21.14
CA LEU A 460 -9.95 27.08 -22.10
C LEU A 460 -10.27 25.64 -22.51
N LEU A 461 -11.16 24.95 -21.80
CA LEU A 461 -11.29 23.50 -21.97
C LEU A 461 -12.16 23.09 -23.16
N VAL A 462 -12.84 24.02 -23.83
CA VAL A 462 -13.83 23.69 -24.86
C VAL A 462 -13.47 24.21 -26.25
N ALA A 463 -12.39 24.99 -26.39
CA ALA A 463 -12.00 25.45 -27.72
C ALA A 463 -11.62 24.28 -28.61
N THR A 464 -11.91 24.42 -29.91
CA THR A 464 -11.56 23.36 -30.86
C THR A 464 -10.07 23.11 -30.87
N LYS A 465 -9.28 24.18 -30.91
CA LYS A 465 -7.84 24.11 -30.76
C LYS A 465 -7.52 24.64 -29.38
N ILE A 466 -6.94 23.78 -28.54
CA ILE A 466 -6.69 24.18 -27.17
C ILE A 466 -5.52 25.15 -27.13
N ASN A 467 -5.70 26.25 -26.39
CA ASN A 467 -4.64 27.23 -26.21
C ASN A 467 -3.60 26.68 -25.25
N SER A 468 -2.57 26.05 -25.82
CA SER A 468 -1.58 25.33 -25.01
C SER A 468 -0.81 26.27 -24.08
N SER A 469 -0.42 27.44 -24.57
CA SER A 469 0.33 28.37 -23.72
CA SER A 469 0.33 28.36 -23.71
C SER A 469 -0.51 28.84 -22.54
N ALA A 470 -1.79 29.15 -22.77
CA ALA A 470 -2.63 29.63 -21.67
C ALA A 470 -2.91 28.51 -20.66
N ILE A 471 -3.08 27.27 -21.14
CA ILE A 471 -3.24 26.14 -20.23
C ILE A 471 -2.02 26.00 -19.33
N LYS A 472 -0.83 26.09 -19.91
CA LYS A 472 0.40 25.96 -19.15
C LYS A 472 0.52 27.06 -18.11
N LEU A 473 0.14 28.30 -18.48
CA LEU A 473 0.17 29.39 -17.51
C LEU A 473 -0.77 29.12 -16.34
N GLN A 474 -1.95 28.58 -16.61
CA GLN A 474 -2.91 28.36 -15.55
C GLN A 474 -2.55 27.18 -14.66
N LEU A 475 -1.96 26.12 -15.22
CA LEU A 475 -1.63 24.95 -14.42
C LEU A 475 -0.42 25.22 -13.52
N THR A 476 0.54 26.02 -13.98
CA THR A 476 1.75 26.23 -13.21
C THR A 476 1.72 27.54 -12.44
N ALA A 477 0.66 28.34 -12.62
CA ALA A 477 0.57 29.68 -12.06
C ALA A 477 1.79 30.52 -12.42
N GLN A 478 2.38 30.23 -13.59
CA GLN A 478 3.52 31.00 -14.09
C GLN A 478 3.08 32.42 -14.39
N SER A 479 3.86 33.39 -13.92
CA SER A 479 3.41 34.78 -13.97
C SER A 479 3.60 35.39 -15.35
N GLN A 480 4.69 35.04 -16.05
CA GLN A 480 5.14 35.79 -17.20
C GLN A 480 5.49 34.87 -18.37
N VAL A 481 5.53 35.46 -19.57
CA VAL A 481 6.03 34.79 -20.76
C VAL A 481 7.37 35.41 -21.15
N GLN A 482 8.05 34.79 -22.12
CA GLN A 482 9.42 35.14 -22.43
C GLN A 482 9.54 36.60 -22.91
N MET A 483 10.65 37.24 -22.52
CA MET A 483 10.82 38.66 -22.77
C MET A 483 10.83 38.98 -24.26
N LYS A 484 11.79 38.43 -24.99
CA LYS A 484 12.00 38.81 -26.40
C LYS A 484 11.02 38.10 -27.35
#